data_5U44
#
_entry.id   5U44
#
_cell.length_a   39.570
_cell.length_b   95.410
_cell.length_c   96.180
_cell.angle_alpha   90.00
_cell.angle_beta   97.65
_cell.angle_gamma   90.00
#
_symmetry.space_group_name_H-M   'P 1 21 1'
#
loop_
_entity.id
_entity.type
_entity.pdbx_description
1 polymer 'Peroxisome proliferator-activated receptor delta'
2 non-polymer 'heptyl beta-D-glucopyranoside'
3 non-polymer S-1,2-PROPANEDIOL
4 non-polymer "6-(2-{[cyclopropyl(2'-fluoro[1,1'-biphenyl]-4-carbonyl)amino]methyl}phenoxy)hexanoic acid"
5 water water
#
_entity_poly.entity_id   1
_entity_poly.type   'polypeptide(L)'
_entity_poly.pdbx_seq_one_letter_code
;PQVADLKAFSKHIYNAYLKNFNMTKKKARSILTGKASHTAPFVIHDIETLWQAEKGLVWKQLVNGLPPYKEISVHVFYRC
QCTTVETVRELTEFAKSIPSFSSLFLNDQVTLLKYGVHEAIFAMLASIVNKDGLLVANGSGFVTREFLRSLRKPFSDIIE
PKFEFAVKFNALELDDSDLALFIAAIILCGDRPGLMNVPRVEAIQDTILRALEFHLQANHPDAQYLFPKLLQKMADLRQL
VTEHAQMMQRIKKTETETSLHPLLQEIYKDMY
;
_entity_poly.pdbx_strand_id   A,B
#
loop_
_chem_comp.id
_chem_comp.type
_chem_comp.name
_chem_comp.formula
7SV non-polymer '6-(2-{[cyclopropyl(2'-fluoro[1,1'-biphenyl]-4-carbonyl)amino]methyl}phenoxy)hexanoic acid' 'C29 H30 F N O4'
B7G D-saccharide 'heptyl beta-D-glucopyranoside' 'C13 H26 O6'
PGO non-polymer S-1,2-PROPANEDIOL 'C3 H8 O2'
#
# COMPACT_ATOMS: atom_id res chain seq x y z
N ASP A 5 -18.35 -8.18 -16.86
CA ASP A 5 -19.22 -9.34 -16.72
C ASP A 5 -19.19 -9.85 -15.29
N LEU A 6 -20.36 -10.02 -14.69
CA LEU A 6 -20.45 -10.33 -13.27
C LEU A 6 -20.10 -11.79 -12.99
N LYS A 7 -20.62 -12.71 -13.81
CA LYS A 7 -20.25 -14.12 -13.68
C LYS A 7 -18.73 -14.29 -13.68
N ALA A 8 -18.03 -13.61 -14.59
CA ALA A 8 -16.58 -13.68 -14.62
C ALA A 8 -15.96 -12.92 -13.45
N PHE A 9 -16.59 -11.81 -13.04
CA PHE A 9 -16.16 -11.10 -11.84
C PHE A 9 -16.09 -12.05 -10.65
N SER A 10 -17.16 -12.81 -10.41
CA SER A 10 -17.18 -13.75 -9.29
C SER A 10 -16.10 -14.80 -9.44
N LYS A 11 -16.01 -15.42 -10.62
CA LYS A 11 -15.06 -16.52 -10.80
C LYS A 11 -13.63 -16.05 -10.58
N HIS A 12 -13.32 -14.80 -10.93
CA HIS A 12 -11.98 -14.28 -10.67
C HIS A 12 -11.70 -14.20 -9.17
N ILE A 13 -12.69 -13.79 -8.39
CA ILE A 13 -12.52 -13.72 -6.95
C ILE A 13 -12.36 -15.13 -6.37
N TYR A 14 -13.09 -16.10 -6.90
CA TYR A 14 -12.97 -17.47 -6.42
C TYR A 14 -11.55 -17.99 -6.64
N ASN A 15 -11.00 -17.76 -7.83
CA ASN A 15 -9.64 -18.22 -8.12
C ASN A 15 -8.63 -17.54 -7.21
N ALA A 16 -8.78 -16.23 -6.97
CA ALA A 16 -7.89 -15.54 -6.06
C ALA A 16 -7.99 -16.13 -4.65
N TYR A 17 -9.18 -16.54 -4.26
CA TYR A 17 -9.38 -17.18 -2.95
C TYR A 17 -8.62 -18.50 -2.88
N LEU A 18 -8.75 -19.33 -3.92
CA LEU A 18 -8.05 -20.62 -3.93
C LEU A 18 -6.55 -20.43 -4.06
N LYS A 19 -6.11 -19.44 -4.83
CA LYS A 19 -4.69 -19.26 -5.11
C LYS A 19 -3.92 -18.73 -3.91
N ASN A 20 -4.57 -18.05 -2.97
CA ASN A 20 -3.87 -17.29 -1.95
C ASN A 20 -4.06 -17.79 -0.52
N PHE A 21 -5.04 -18.66 -0.26
CA PHE A 21 -5.29 -19.16 1.08
C PHE A 21 -4.87 -20.62 1.18
N ASN A 22 -4.19 -20.94 2.29
CA ASN A 22 -3.51 -22.22 2.40
C ASN A 22 -4.51 -23.38 2.43
N MET A 23 -5.55 -23.28 3.24
CA MET A 23 -6.51 -24.35 3.43
C MET A 23 -7.92 -23.85 3.10
N THR A 24 -8.67 -24.66 2.38
CA THR A 24 -10.07 -24.42 2.09
C THR A 24 -10.94 -25.04 3.18
N LYS A 25 -12.16 -24.52 3.31
CA LYS A 25 -13.10 -25.09 4.27
C LYS A 25 -13.37 -26.55 3.94
N LYS A 26 -13.38 -26.92 2.66
CA LYS A 26 -13.54 -28.32 2.29
C LYS A 26 -12.41 -29.16 2.87
N LYS A 27 -11.17 -28.68 2.78
CA LYS A 27 -10.04 -29.38 3.39
C LYS A 27 -10.25 -29.53 4.89
N ALA A 28 -10.46 -28.40 5.58
CA ALA A 28 -10.58 -28.42 7.04
C ALA A 28 -11.70 -29.35 7.49
N ARG A 29 -12.88 -29.20 6.89
CA ARG A 29 -14.05 -29.95 7.35
C ARG A 29 -13.81 -31.45 7.26
N SER A 30 -13.14 -31.91 6.20
CA SER A 30 -12.86 -33.33 6.07
C SER A 30 -11.92 -33.79 7.19
N ILE A 31 -10.97 -32.95 7.59
CA ILE A 31 -10.12 -33.26 8.73
C ILE A 31 -10.95 -33.36 10.00
N LEU A 32 -11.65 -32.26 10.34
CA LEU A 32 -12.43 -32.22 11.57
C LEU A 32 -13.42 -33.37 11.66
N THR A 33 -13.82 -33.93 10.52
CA THR A 33 -14.72 -35.07 10.54
C THR A 33 -13.94 -36.37 10.68
N GLY A 34 -12.79 -36.48 10.02
CA GLY A 34 -11.99 -37.69 10.04
C GLY A 34 -12.03 -38.52 8.77
N LYS A 35 -12.77 -38.07 7.74
CA LYS A 35 -12.76 -38.78 6.47
C LYS A 35 -11.41 -38.66 5.78
N ALA A 36 -10.76 -37.50 5.91
CA ALA A 36 -9.70 -37.12 4.98
C ALA A 36 -8.54 -38.10 5.02
N SER A 37 -7.88 -38.22 6.16
CA SER A 37 -6.68 -39.02 6.29
C SER A 37 -6.75 -39.84 7.56
N HIS A 38 -6.26 -41.08 7.48
CA HIS A 38 -6.39 -42.00 8.61
C HIS A 38 -5.63 -41.53 9.83
N THR A 39 -4.71 -40.58 9.68
CA THR A 39 -4.04 -39.95 10.82
C THR A 39 -4.85 -38.74 11.24
N ALA A 40 -5.56 -38.85 12.35
CA ALA A 40 -6.28 -37.71 12.88
C ALA A 40 -5.29 -36.67 13.41
N PRO A 41 -5.73 -35.43 13.59
CA PRO A 41 -4.82 -34.41 14.12
C PRO A 41 -4.42 -34.72 15.55
N PHE A 42 -3.22 -34.28 15.92
CA PHE A 42 -2.73 -34.44 17.27
C PHE A 42 -3.43 -33.45 18.19
N VAL A 43 -4.09 -33.97 19.23
CA VAL A 43 -4.93 -33.15 20.09
C VAL A 43 -4.07 -32.48 21.15
N ILE A 44 -4.20 -31.15 21.26
CA ILE A 44 -3.58 -30.38 22.32
C ILE A 44 -4.66 -30.00 23.31
N HIS A 45 -4.64 -30.63 24.49
CA HIS A 45 -5.65 -30.39 25.50
C HIS A 45 -5.09 -29.98 26.85
N ASP A 46 -3.77 -29.85 26.99
CA ASP A 46 -3.17 -29.48 28.27
C ASP A 46 -1.71 -29.11 28.05
N ILE A 47 -1.03 -28.78 29.15
CA ILE A 47 0.36 -28.32 29.08
C ILE A 47 1.24 -29.37 28.41
N GLU A 48 1.12 -30.62 28.85
CA GLU A 48 1.99 -31.67 28.33
C GLU A 48 1.87 -31.77 26.82
N THR A 49 0.67 -32.02 26.32
CA THR A 49 0.48 -32.16 24.88
C THR A 49 0.89 -30.89 24.15
N LEU A 50 0.71 -29.72 24.76
CA LEU A 50 1.21 -28.49 24.17
C LEU A 50 2.73 -28.56 24.01
N TRP A 51 3.43 -29.00 25.05
CA TRP A 51 4.88 -29.16 24.96
C TRP A 51 5.25 -30.20 23.92
N GLN A 52 4.54 -31.33 23.92
CA GLN A 52 4.80 -32.37 22.92
C GLN A 52 4.55 -31.86 21.50
N ALA A 53 3.58 -30.96 21.34
CA ALA A 53 3.29 -30.42 20.01
C ALA A 53 4.42 -29.54 19.51
N GLU A 54 5.04 -28.77 20.41
CA GLU A 54 6.14 -27.89 20.01
C GLU A 54 7.35 -28.71 19.58
N LYS A 55 7.59 -29.85 20.23
CA LYS A 55 8.76 -30.66 19.90
C LYS A 55 8.59 -31.33 18.55
N GLY A 56 7.37 -31.72 18.20
CA GLY A 56 7.11 -32.40 16.94
C GLY A 56 5.64 -32.59 16.66
N GLY A 65 12.46 -18.78 17.35
CA GLY A 65 11.35 -18.49 16.46
C GLY A 65 10.49 -17.34 16.96
N LEU A 66 9.92 -17.51 18.15
CA LEU A 66 9.05 -16.52 18.77
C LEU A 66 9.80 -15.72 19.82
N PRO A 67 9.22 -14.63 20.31
CA PRO A 67 9.92 -13.80 21.29
C PRO A 67 10.25 -14.59 22.55
N PRO A 68 11.02 -14.00 23.46
CA PRO A 68 11.37 -14.71 24.70
C PRO A 68 10.15 -15.27 25.41
N TYR A 69 10.29 -16.50 25.89
CA TYR A 69 9.24 -17.15 26.66
C TYR A 69 8.96 -16.40 27.95
N LYS A 70 7.68 -16.23 28.27
CA LYS A 70 7.24 -15.65 29.52
C LYS A 70 6.38 -16.60 30.33
N GLU A 71 5.37 -17.21 29.72
CA GLU A 71 4.52 -18.20 30.38
C GLU A 71 3.63 -18.84 29.33
N ILE A 72 2.77 -19.76 29.78
CA ILE A 72 2.00 -20.57 28.85
C ILE A 72 0.91 -19.74 28.18
N SER A 73 0.10 -19.03 28.96
CA SER A 73 -0.99 -18.25 28.39
C SER A 73 -0.45 -17.24 27.39
N VAL A 74 0.73 -16.66 27.67
CA VAL A 74 1.32 -15.71 26.74
C VAL A 74 1.88 -16.44 25.52
N HIS A 75 2.47 -17.63 25.72
CA HIS A 75 2.94 -18.41 24.60
C HIS A 75 1.82 -18.67 23.60
N VAL A 76 0.66 -19.07 24.10
CA VAL A 76 -0.50 -19.25 23.23
C VAL A 76 -0.81 -17.94 22.51
N PHE A 77 -0.79 -16.82 23.24
CA PHE A 77 -1.06 -15.52 22.63
C PHE A 77 -0.13 -15.26 21.45
N TYR A 78 1.15 -15.58 21.61
CA TYR A 78 2.09 -15.38 20.50
C TYR A 78 1.74 -16.27 19.31
N ARG A 79 1.46 -17.55 19.56
CA ARG A 79 1.03 -18.43 18.48
C ARG A 79 -0.17 -17.86 17.74
N CYS A 80 -1.07 -17.19 18.47
CA CYS A 80 -2.21 -16.55 17.80
C CYS A 80 -1.76 -15.39 16.94
N GLN A 81 -0.83 -14.56 17.45
CA GLN A 81 -0.31 -13.45 16.65
C GLN A 81 0.29 -13.96 15.34
N CYS A 82 1.08 -15.04 15.42
CA CYS A 82 1.71 -15.58 14.22
C CYS A 82 0.68 -15.94 13.16
N THR A 83 -0.45 -16.53 13.58
CA THR A 83 -1.47 -16.93 12.63
C THR A 83 -2.19 -15.73 12.06
N THR A 84 -2.54 -14.76 12.91
N THR A 84 -2.52 -14.75 12.90
CA THR A 84 -3.20 -13.55 12.43
CA THR A 84 -3.22 -13.55 12.40
C THR A 84 -2.31 -12.81 11.44
C THR A 84 -2.32 -12.75 11.45
N VAL A 85 -1.04 -12.60 11.80
CA VAL A 85 -0.12 -11.89 10.91
C VAL A 85 0.04 -12.65 9.60
N GLU A 86 0.13 -13.98 9.67
CA GLU A 86 0.24 -14.78 8.46
C GLU A 86 -1.03 -14.65 7.61
N THR A 87 -2.19 -14.62 8.25
CA THR A 87 -3.44 -14.50 7.51
C THR A 87 -3.59 -13.12 6.91
N VAL A 88 -3.06 -12.09 7.59
CA VAL A 88 -3.06 -10.74 7.03
C VAL A 88 -2.30 -10.72 5.71
N ARG A 89 -1.16 -11.40 5.66
CA ARG A 89 -0.36 -11.43 4.45
C ARG A 89 -1.09 -12.14 3.31
N GLU A 90 -1.92 -13.13 3.64
CA GLU A 90 -2.70 -13.81 2.61
C GLU A 90 -3.86 -12.96 2.15
N LEU A 91 -4.54 -12.27 3.08
CA LEU A 91 -5.62 -11.36 2.68
C LEU A 91 -5.09 -10.24 1.81
N THR A 92 -3.90 -9.73 2.11
CA THR A 92 -3.31 -8.67 1.29
C THR A 92 -3.13 -9.14 -0.14
N GLU A 93 -2.56 -10.34 -0.34
CA GLU A 93 -2.33 -10.84 -1.68
C GLU A 93 -3.63 -11.28 -2.34
N PHE A 94 -4.60 -11.75 -1.55
CA PHE A 94 -5.92 -12.06 -2.10
C PHE A 94 -6.62 -10.80 -2.57
N ALA A 95 -6.59 -9.74 -1.76
CA ALA A 95 -7.15 -8.46 -2.19
C ALA A 95 -6.42 -7.92 -3.41
N LYS A 96 -5.09 -8.03 -3.42
CA LYS A 96 -4.32 -7.55 -4.57
C LYS A 96 -4.68 -8.31 -5.85
N SER A 97 -5.15 -9.54 -5.72
CA SER A 97 -5.57 -10.32 -6.87
C SER A 97 -6.94 -9.91 -7.40
N ILE A 98 -7.58 -8.91 -6.80
CA ILE A 98 -8.87 -8.40 -7.25
C ILE A 98 -8.61 -7.14 -8.07
N PRO A 99 -8.74 -7.18 -9.40
CA PRO A 99 -8.39 -6.00 -10.21
C PRO A 99 -9.02 -4.71 -9.72
N SER A 100 -10.27 -4.75 -9.26
CA SER A 100 -10.92 -3.55 -8.75
C SER A 100 -10.17 -2.99 -7.55
N PHE A 101 -9.62 -3.86 -6.71
CA PHE A 101 -8.91 -3.42 -5.51
C PHE A 101 -7.57 -2.78 -5.86
N SER A 102 -6.83 -3.38 -6.80
CA SER A 102 -5.52 -2.87 -7.16
C SER A 102 -5.60 -1.55 -7.90
N SER A 103 -6.76 -1.19 -8.46
CA SER A 103 -6.91 0.09 -9.12
C SER A 103 -6.97 1.25 -8.13
N LEU A 104 -7.32 0.97 -6.88
CA LEU A 104 -7.34 2.00 -5.86
C LEU A 104 -5.92 2.46 -5.55
N PHE A 105 -5.80 3.71 -5.10
CA PHE A 105 -4.51 4.22 -4.68
C PHE A 105 -4.01 3.42 -3.48
N LEU A 106 -2.69 3.40 -3.32
CA LEU A 106 -2.08 2.48 -2.37
C LEU A 106 -2.57 2.77 -0.95
N ASN A 107 -2.76 4.05 -0.61
CA ASN A 107 -3.19 4.41 0.73
C ASN A 107 -4.60 3.90 1.00
N ASP A 108 -5.49 3.95 0.01
CA ASP A 108 -6.83 3.39 0.21
C ASP A 108 -6.78 1.88 0.40
N GLN A 109 -5.85 1.20 -0.28
CA GLN A 109 -5.69 -0.23 -0.08
C GLN A 109 -5.31 -0.54 1.37
N VAL A 110 -4.38 0.23 1.93
CA VAL A 110 -3.97 0.01 3.32
C VAL A 110 -5.13 0.25 4.27
N THR A 111 -5.88 1.32 4.05
CA THR A 111 -7.01 1.63 4.92
C THR A 111 -7.98 0.45 5.01
N LEU A 112 -8.31 -0.13 3.86
CA LEU A 112 -9.29 -1.22 3.85
C LEU A 112 -8.72 -2.47 4.53
N LEU A 113 -7.45 -2.79 4.28
CA LEU A 113 -6.83 -3.90 4.97
C LEU A 113 -6.74 -3.63 6.47
N LYS A 114 -6.30 -2.45 6.85
CA LYS A 114 -6.17 -2.11 8.27
C LYS A 114 -7.47 -2.37 9.03
N TYR A 115 -8.60 -1.96 8.47
CA TYR A 115 -9.87 -2.02 9.16
C TYR A 115 -10.73 -3.22 8.76
N GLY A 116 -10.22 -4.09 7.89
CA GLY A 116 -11.00 -5.23 7.42
C GLY A 116 -10.41 -6.60 7.71
N VAL A 117 -9.09 -6.69 7.86
CA VAL A 117 -8.44 -7.99 7.97
C VAL A 117 -9.00 -8.78 9.14
N HIS A 118 -9.19 -8.13 10.30
CA HIS A 118 -9.64 -8.85 11.47
C HIS A 118 -11.06 -9.39 11.28
N GLU A 119 -11.95 -8.56 10.72
CA GLU A 119 -13.28 -9.05 10.38
C GLU A 119 -13.20 -10.27 9.46
N ALA A 120 -12.34 -10.19 8.44
CA ALA A 120 -12.19 -11.31 7.52
C ALA A 120 -11.60 -12.54 8.23
N ILE A 121 -10.69 -12.31 9.18
CA ILE A 121 -10.01 -13.41 9.84
C ILE A 121 -11.00 -14.20 10.71
N PHE A 122 -11.81 -13.50 11.49
CA PHE A 122 -12.76 -14.18 12.36
C PHE A 122 -13.87 -14.85 11.57
N ALA A 123 -14.12 -14.43 10.33
CA ALA A 123 -15.07 -15.12 9.48
C ALA A 123 -14.47 -16.38 8.87
N MET A 124 -13.21 -16.29 8.42
CA MET A 124 -12.50 -17.49 7.96
C MET A 124 -12.23 -18.45 9.11
N LEU A 125 -12.09 -17.92 10.33
CA LEU A 125 -11.80 -18.75 11.49
C LEU A 125 -12.82 -19.88 11.64
N ALA A 126 -14.09 -19.59 11.36
CA ALA A 126 -15.14 -20.59 11.53
C ALA A 126 -14.85 -21.85 10.71
N SER A 127 -14.12 -21.72 9.61
CA SER A 127 -13.87 -22.87 8.75
C SER A 127 -13.07 -23.96 9.47
N ILE A 128 -12.23 -23.58 10.42
CA ILE A 128 -11.36 -24.52 11.12
C ILE A 128 -11.83 -24.75 12.57
N VAL A 129 -13.08 -24.42 12.86
CA VAL A 129 -13.61 -24.46 14.23
C VAL A 129 -14.78 -25.43 14.28
N ASN A 130 -14.91 -26.12 15.41
CA ASN A 130 -16.16 -26.75 15.80
C ASN A 130 -16.40 -26.43 17.28
N LYS A 131 -17.47 -27.00 17.83
CA LYS A 131 -17.80 -26.76 19.22
C LYS A 131 -16.64 -27.09 20.15
N ASP A 132 -15.76 -28.00 19.74
CA ASP A 132 -14.76 -28.57 20.63
C ASP A 132 -13.39 -27.93 20.52
N GLY A 133 -13.11 -27.17 19.46
CA GLY A 133 -11.81 -26.56 19.31
C GLY A 133 -11.57 -26.14 17.87
N LEU A 134 -10.30 -26.04 17.50
CA LEU A 134 -9.93 -25.63 16.16
C LEU A 134 -8.63 -26.29 15.73
N LEU A 135 -8.38 -26.23 14.43
CA LEU A 135 -7.16 -26.75 13.84
C LEU A 135 -6.02 -25.75 13.96
N VAL A 136 -4.80 -26.29 14.07
CA VAL A 136 -3.58 -25.49 14.08
C VAL A 136 -2.52 -26.24 13.28
N ALA A 137 -1.44 -25.54 12.97
CA ALA A 137 -0.29 -26.15 12.30
C ALA A 137 -0.70 -26.80 10.98
N ASN A 138 -1.57 -26.13 10.23
CA ASN A 138 -1.96 -26.57 8.89
C ASN A 138 -2.74 -27.89 8.96
N GLY A 139 -3.59 -28.03 9.98
CA GLY A 139 -4.38 -29.22 10.18
C GLY A 139 -3.68 -30.34 10.92
N SER A 140 -2.38 -30.21 11.18
CA SER A 140 -1.64 -31.25 11.89
C SER A 140 -2.03 -31.36 13.36
N GLY A 141 -2.62 -30.31 13.94
CA GLY A 141 -2.98 -30.30 15.34
C GLY A 141 -4.38 -29.77 15.55
N PHE A 142 -4.93 -30.10 16.71
CA PHE A 142 -6.27 -29.64 17.10
C PHE A 142 -6.20 -29.21 18.56
N VAL A 143 -6.37 -27.91 18.79
CA VAL A 143 -6.41 -27.37 20.15
C VAL A 143 -7.86 -27.36 20.62
N THR A 144 -8.09 -27.88 21.82
CA THR A 144 -9.44 -27.96 22.35
C THR A 144 -9.89 -26.61 22.89
N ARG A 145 -11.20 -26.38 22.84
CA ARG A 145 -11.78 -25.16 23.36
C ARG A 145 -11.69 -25.10 24.88
N GLU A 146 -11.90 -26.23 25.54
CA GLU A 146 -11.79 -26.27 27.00
C GLU A 146 -10.40 -25.84 27.47
N PHE A 147 -9.37 -26.24 26.74
CA PHE A 147 -8.00 -25.84 27.10
C PHE A 147 -7.82 -24.34 26.98
N LEU A 148 -8.26 -23.76 25.86
CA LEU A 148 -8.15 -22.32 25.68
C LEU A 148 -8.95 -21.56 26.73
N ARG A 149 -10.04 -22.17 27.22
CA ARG A 149 -10.79 -21.56 28.31
C ARG A 149 -10.01 -21.56 29.61
N SER A 150 -9.15 -22.57 29.82
CA SER A 150 -8.43 -22.70 31.07
C SER A 150 -7.33 -21.65 31.25
N LEU A 151 -6.94 -20.96 30.18
CA LEU A 151 -5.93 -19.92 30.29
C LEU A 151 -6.43 -18.80 31.20
N ARG A 152 -5.50 -18.02 31.73
CA ARG A 152 -5.86 -16.96 32.64
C ARG A 152 -6.36 -15.75 31.88
N LYS A 153 -7.17 -14.94 32.56
CA LYS A 153 -7.62 -13.68 32.00
C LYS A 153 -6.41 -12.76 31.83
N PRO A 154 -6.44 -11.90 30.81
CA PRO A 154 -7.51 -11.69 29.83
C PRO A 154 -7.38 -12.52 28.55
N PHE A 155 -6.53 -13.55 28.57
CA PHE A 155 -6.30 -14.33 27.36
C PHE A 155 -7.43 -15.34 27.10
N SER A 156 -8.05 -15.86 28.15
CA SER A 156 -9.23 -16.69 27.96
C SER A 156 -10.41 -15.86 27.47
N ASP A 157 -10.53 -14.62 27.95
CA ASP A 157 -11.64 -13.77 27.56
C ASP A 157 -11.55 -13.33 26.11
N ILE A 158 -10.33 -13.22 25.57
CA ILE A 158 -10.16 -12.76 24.18
C ILE A 158 -10.37 -13.87 23.17
N ILE A 159 -10.52 -15.11 23.61
CA ILE A 159 -10.62 -16.27 22.72
C ILE A 159 -12.05 -16.79 22.65
N GLU A 160 -12.70 -16.97 23.80
CA GLU A 160 -14.02 -17.59 23.82
C GLU A 160 -15.04 -16.91 22.92
N PRO A 161 -15.14 -15.58 22.87
CA PRO A 161 -16.17 -14.96 22.03
C PRO A 161 -16.11 -15.40 20.57
N LYS A 162 -14.93 -15.70 20.05
CA LYS A 162 -14.81 -16.11 18.65
C LYS A 162 -15.48 -17.46 18.41
N PHE A 163 -15.34 -18.40 19.34
CA PHE A 163 -15.98 -19.69 19.20
C PHE A 163 -17.49 -19.55 19.11
N GLU A 164 -18.08 -18.71 19.95
CA GLU A 164 -19.52 -18.52 19.94
C GLU A 164 -19.99 -18.04 18.57
N PHE A 165 -19.25 -17.10 17.98
CA PHE A 165 -19.60 -16.62 16.64
C PHE A 165 -19.38 -17.71 15.59
N ALA A 166 -18.25 -18.42 15.68
CA ALA A 166 -17.92 -19.42 14.67
C ALA A 166 -19.00 -20.49 14.58
N VAL A 167 -19.50 -20.97 15.72
CA VAL A 167 -20.48 -22.05 15.70
C VAL A 167 -21.78 -21.57 15.07
N LYS A 168 -22.24 -20.36 15.43
CA LYS A 168 -23.44 -19.82 14.80
C LYS A 168 -23.20 -19.50 13.33
N PHE A 169 -21.96 -19.20 12.96
CA PHE A 169 -21.66 -18.89 11.56
C PHE A 169 -21.65 -20.16 10.71
N ASN A 170 -21.08 -21.24 11.24
CA ASN A 170 -21.07 -22.51 10.52
C ASN A 170 -22.47 -23.06 10.30
N ALA A 171 -23.44 -22.66 11.11
CA ALA A 171 -24.81 -23.10 10.91
C ALA A 171 -25.36 -22.64 9.57
N LEU A 172 -24.78 -21.59 8.98
CA LEU A 172 -25.19 -21.15 7.65
C LEU A 172 -24.67 -22.07 6.56
N GLU A 173 -23.60 -22.83 6.83
CA GLU A 173 -23.14 -23.89 5.92
C GLU A 173 -22.71 -23.33 4.58
N LEU A 174 -21.93 -22.26 4.60
CA LEU A 174 -21.33 -21.73 3.39
C LEU A 174 -20.20 -22.65 2.92
N ASP A 175 -20.05 -22.74 1.59
CA ASP A 175 -18.91 -23.41 1.00
C ASP A 175 -17.87 -22.35 0.61
N ASP A 176 -16.72 -22.83 0.11
CA ASP A 176 -15.62 -21.92 -0.17
C ASP A 176 -16.00 -20.85 -1.18
N SER A 177 -16.84 -21.19 -2.15
CA SER A 177 -17.25 -20.19 -3.14
C SER A 177 -17.99 -19.04 -2.49
N ASP A 178 -18.91 -19.34 -1.57
CA ASP A 178 -19.61 -18.29 -0.84
C ASP A 178 -18.61 -17.42 -0.07
N LEU A 179 -17.67 -18.07 0.62
CA LEU A 179 -16.75 -17.33 1.49
C LEU A 179 -15.86 -16.38 0.70
N ALA A 180 -15.38 -16.81 -0.47
CA ALA A 180 -14.57 -15.93 -1.31
C ALA A 180 -15.26 -14.60 -1.54
N LEU A 181 -16.52 -14.63 -2.00
CA LEU A 181 -17.26 -13.40 -2.19
C LEU A 181 -17.53 -12.70 -0.87
N PHE A 182 -17.89 -13.47 0.16
CA PHE A 182 -18.18 -12.88 1.47
C PHE A 182 -16.96 -12.12 2.00
N ILE A 183 -15.77 -12.68 1.82
CA ILE A 183 -14.56 -12.02 2.33
C ILE A 183 -14.27 -10.75 1.53
N ALA A 184 -14.39 -10.82 0.20
CA ALA A 184 -14.14 -9.65 -0.62
C ALA A 184 -15.05 -8.50 -0.22
N ALA A 185 -16.30 -8.80 0.15
CA ALA A 185 -17.22 -7.76 0.58
C ALA A 185 -16.76 -7.12 1.88
N ILE A 186 -16.16 -7.90 2.78
CA ILE A 186 -15.67 -7.36 4.04
C ILE A 186 -14.51 -6.41 3.80
N ILE A 187 -13.60 -6.78 2.89
CA ILE A 187 -12.44 -5.93 2.62
C ILE A 187 -12.89 -4.64 1.94
N LEU A 188 -13.70 -4.77 0.88
CA LEU A 188 -14.13 -3.62 0.08
C LEU A 188 -15.39 -3.07 0.74
N CYS A 189 -15.17 -2.22 1.74
CA CYS A 189 -16.24 -1.64 2.54
C CYS A 189 -16.02 -0.13 2.63
N GLY A 190 -17.02 0.64 2.22
CA GLY A 190 -16.89 2.08 2.14
C GLY A 190 -16.96 2.81 3.46
N ASP A 191 -17.19 2.13 4.57
CA ASP A 191 -17.37 2.78 5.85
C ASP A 191 -16.07 2.97 6.64
N ARG A 192 -14.94 2.53 6.11
CA ARG A 192 -13.72 2.55 6.89
C ARG A 192 -13.28 3.99 7.17
N PRO A 193 -12.75 4.28 8.36
CA PRO A 193 -12.29 5.64 8.63
C PRO A 193 -11.12 6.03 7.75
N GLY A 194 -11.18 7.25 7.21
CA GLY A 194 -10.07 7.80 6.46
C GLY A 194 -9.98 7.36 5.02
N LEU A 195 -11.01 6.73 4.47
CA LEU A 195 -11.00 6.39 3.05
C LEU A 195 -10.95 7.65 2.21
N MET A 196 -10.19 7.59 1.12
CA MET A 196 -10.05 8.72 0.21
C MET A 196 -11.14 8.74 -0.85
N ASN A 197 -11.31 7.62 -1.56
CA ASN A 197 -12.29 7.52 -2.63
C ASN A 197 -13.44 6.63 -2.18
N VAL A 198 -14.28 7.19 -1.29
CA VAL A 198 -15.45 6.46 -0.82
C VAL A 198 -16.34 6.02 -1.97
N PRO A 199 -16.77 6.88 -2.89
CA PRO A 199 -17.73 6.43 -3.91
C PRO A 199 -17.21 5.29 -4.77
N ARG A 200 -15.92 5.31 -5.13
CA ARG A 200 -15.34 4.19 -5.85
C ARG A 200 -15.53 2.90 -5.07
N VAL A 201 -15.14 2.88 -3.79
CA VAL A 201 -15.23 1.67 -2.99
C VAL A 201 -16.69 1.29 -2.77
N GLU A 202 -17.54 2.26 -2.47
CA GLU A 202 -18.96 1.97 -2.35
C GLU A 202 -19.47 1.24 -3.58
N ALA A 203 -19.08 1.68 -4.78
CA ALA A 203 -19.48 1.01 -6.00
C ALA A 203 -18.95 -0.42 -6.04
N ILE A 204 -17.66 -0.60 -5.75
CA ILE A 204 -17.07 -1.94 -5.80
C ILE A 204 -17.80 -2.87 -4.84
N GLN A 205 -18.01 -2.41 -3.60
CA GLN A 205 -18.72 -3.23 -2.62
C GLN A 205 -20.10 -3.62 -3.13
N ASP A 206 -20.79 -2.68 -3.80
CA ASP A 206 -22.12 -2.97 -4.31
C ASP A 206 -22.08 -4.08 -5.36
N THR A 207 -21.06 -4.07 -6.22
CA THR A 207 -20.93 -5.11 -7.23
C THR A 207 -20.73 -6.47 -6.58
N ILE A 208 -19.91 -6.52 -5.52
CA ILE A 208 -19.64 -7.79 -4.85
C ILE A 208 -20.93 -8.34 -4.23
N LEU A 209 -21.63 -7.50 -3.46
CA LEU A 209 -22.85 -7.95 -2.81
C LEU A 209 -23.89 -8.41 -3.81
N ARG A 210 -23.97 -7.73 -4.97
CA ARG A 210 -24.84 -8.20 -6.04
C ARG A 210 -24.42 -9.59 -6.51
N ALA A 211 -23.13 -9.76 -6.81
CA ALA A 211 -22.63 -11.06 -7.22
C ALA A 211 -22.80 -12.10 -6.12
N LEU A 212 -22.70 -11.68 -4.86
CA LEU A 212 -22.90 -12.61 -3.76
C LEU A 212 -24.34 -13.12 -3.74
N GLU A 213 -25.31 -12.21 -3.78
CA GLU A 213 -26.70 -12.63 -3.82
C GLU A 213 -26.98 -13.51 -5.04
N PHE A 214 -26.46 -13.11 -6.20
CA PHE A 214 -26.60 -13.93 -7.40
C PHE A 214 -26.02 -15.32 -7.17
N HIS A 215 -24.86 -15.40 -6.53
CA HIS A 215 -24.23 -16.69 -6.28
C HIS A 215 -25.06 -17.54 -5.34
N LEU A 216 -25.52 -16.97 -4.22
CA LEU A 216 -26.28 -17.74 -3.25
C LEU A 216 -27.56 -18.31 -3.86
N GLN A 217 -28.22 -17.55 -4.73
CA GLN A 217 -29.42 -18.05 -5.38
C GLN A 217 -29.14 -19.35 -6.13
N ALA A 218 -28.01 -19.42 -6.82
CA ALA A 218 -27.64 -20.63 -7.56
C ALA A 218 -27.11 -21.71 -6.61
N ASN A 219 -26.18 -21.34 -5.73
CA ASN A 219 -25.48 -22.34 -4.94
C ASN A 219 -26.36 -22.93 -3.84
N HIS A 220 -27.20 -22.11 -3.22
CA HIS A 220 -28.10 -22.54 -2.15
C HIS A 220 -29.54 -22.29 -2.57
N PRO A 221 -30.07 -23.10 -3.50
CA PRO A 221 -31.42 -22.81 -4.00
C PRO A 221 -32.50 -22.84 -2.93
N ASP A 222 -32.46 -23.84 -2.04
CA ASP A 222 -33.49 -24.02 -1.03
C ASP A 222 -33.17 -23.32 0.29
N ALA A 223 -32.19 -22.42 0.30
CA ALA A 223 -31.83 -21.66 1.50
C ALA A 223 -32.43 -20.27 1.38
N GLN A 224 -33.45 -20.00 2.18
CA GLN A 224 -34.14 -18.72 2.14
C GLN A 224 -33.56 -17.77 3.18
N TYR A 225 -33.61 -16.48 2.85
CA TYR A 225 -33.14 -15.41 3.73
C TYR A 225 -31.65 -15.56 4.05
N LEU A 226 -30.90 -16.29 3.21
CA LEU A 226 -29.49 -16.48 3.46
C LEU A 226 -28.70 -15.19 3.25
N PHE A 227 -29.05 -14.43 2.21
CA PHE A 227 -28.35 -13.18 1.94
C PHE A 227 -28.55 -12.16 3.05
N PRO A 228 -29.77 -11.83 3.47
CA PRO A 228 -29.92 -10.91 4.61
C PRO A 228 -29.26 -11.42 5.87
N LYS A 229 -29.22 -12.74 6.06
CA LYS A 229 -28.53 -13.30 7.23
C LYS A 229 -27.05 -12.98 7.19
N LEU A 230 -26.42 -13.11 6.03
CA LEU A 230 -24.99 -12.82 5.92
C LEU A 230 -24.72 -11.34 6.15
N LEU A 231 -25.60 -10.47 5.64
CA LEU A 231 -25.47 -9.05 5.94
C LEU A 231 -25.51 -8.81 7.44
N GLN A 232 -26.37 -9.53 8.15
CA GLN A 232 -26.41 -9.44 9.60
C GLN A 232 -25.12 -9.93 10.23
N LYS A 233 -24.53 -10.99 9.65
CA LYS A 233 -23.25 -11.47 10.18
C LYS A 233 -22.14 -10.44 9.98
N MET A 234 -22.16 -9.72 8.86
CA MET A 234 -21.21 -8.63 8.67
C MET A 234 -21.33 -7.60 9.78
N ALA A 235 -22.56 -7.24 10.17
CA ALA A 235 -22.75 -6.35 11.29
C ALA A 235 -22.21 -6.97 12.58
N ASP A 236 -22.46 -8.27 12.77
CA ASP A 236 -21.95 -8.96 13.96
C ASP A 236 -20.43 -8.90 14.00
N LEU A 237 -19.77 -9.10 12.85
CA LEU A 237 -18.31 -9.08 12.82
C LEU A 237 -17.76 -7.72 13.22
N ARG A 238 -18.46 -6.64 12.88
CA ARG A 238 -18.02 -5.31 13.32
C ARG A 238 -18.07 -5.21 14.84
N GLN A 239 -19.13 -5.75 15.46
CA GLN A 239 -19.22 -5.76 16.91
C GLN A 239 -18.12 -6.62 17.52
N LEU A 240 -17.94 -7.83 16.99
CA LEU A 240 -16.94 -8.75 17.54
C LEU A 240 -15.54 -8.14 17.48
N VAL A 241 -15.19 -7.54 16.35
CA VAL A 241 -13.86 -6.95 16.19
C VAL A 241 -13.70 -5.75 17.14
N THR A 242 -14.74 -4.93 17.28
CA THR A 242 -14.64 -3.77 18.15
C THR A 242 -14.42 -4.20 19.60
N GLU A 243 -15.11 -5.26 20.03
CA GLU A 243 -14.87 -5.79 21.36
C GLU A 243 -13.47 -6.39 21.45
N HIS A 244 -13.03 -7.08 20.40
CA HIS A 244 -11.67 -7.62 20.39
C HIS A 244 -10.63 -6.52 20.52
N ALA A 245 -10.87 -5.38 19.86
CA ALA A 245 -9.92 -4.27 19.94
C ALA A 245 -9.79 -3.75 21.37
N GLN A 246 -10.92 -3.59 22.06
CA GLN A 246 -10.89 -3.12 23.44
C GLN A 246 -10.09 -4.07 24.32
N MET A 247 -10.29 -5.38 24.15
CA MET A 247 -9.52 -6.34 24.93
C MET A 247 -8.04 -6.30 24.57
N MET A 248 -7.71 -5.99 23.32
CA MET A 248 -6.31 -5.87 22.94
C MET A 248 -5.67 -4.64 23.59
N GLN A 249 -6.36 -3.51 23.55
N GLN A 249 -6.35 -3.50 23.54
CA GLN A 249 -5.86 -2.32 24.24
CA GLN A 249 -5.84 -2.32 24.24
C GLN A 249 -5.74 -2.56 25.73
C GLN A 249 -5.69 -2.60 25.73
N ARG A 250 -6.56 -3.46 26.28
CA ARG A 250 -6.41 -3.85 27.68
C ARG A 250 -5.09 -4.58 27.91
N ILE A 251 -4.78 -5.55 27.05
CA ILE A 251 -3.52 -6.29 27.18
C ILE A 251 -2.35 -5.34 27.02
N LYS A 252 -2.40 -4.44 26.04
CA LYS A 252 -1.31 -3.50 25.83
C LYS A 252 -1.09 -2.62 27.05
N LYS A 253 -2.14 -2.37 27.83
CA LYS A 253 -2.05 -1.48 28.98
C LYS A 253 -1.80 -2.20 30.29
N THR A 254 -2.07 -3.51 30.36
CA THR A 254 -1.98 -4.25 31.61
C THR A 254 -1.03 -5.44 31.56
N GLU A 255 -0.62 -5.89 30.38
CA GLU A 255 0.28 -7.05 30.24
C GLU A 255 1.63 -6.51 29.78
N THR A 256 2.41 -6.01 30.73
CA THR A 256 3.70 -5.40 30.40
C THR A 256 4.63 -6.41 29.74
N GLU A 257 4.65 -7.64 30.23
CA GLU A 257 5.56 -8.66 29.72
C GLU A 257 5.13 -9.21 28.36
N THR A 258 3.93 -8.89 27.89
CA THR A 258 3.44 -9.37 26.60
C THR A 258 3.72 -8.32 25.54
N SER A 259 4.55 -8.69 24.57
CA SER A 259 4.83 -7.82 23.43
C SER A 259 3.81 -8.06 22.33
N LEU A 260 3.74 -7.11 21.40
CA LEU A 260 2.82 -7.15 20.27
C LEU A 260 3.60 -7.04 18.97
N HIS A 261 3.23 -7.87 18.00
CA HIS A 261 3.89 -7.83 16.70
C HIS A 261 3.74 -6.43 16.10
N PRO A 262 4.80 -5.84 15.55
CA PRO A 262 4.71 -4.45 15.08
C PRO A 262 3.59 -4.21 14.08
N LEU A 263 3.36 -5.13 13.14
CA LEU A 263 2.26 -4.98 12.20
C LEU A 263 0.94 -4.82 12.93
N LEU A 264 0.70 -5.63 13.96
CA LEU A 264 -0.55 -5.52 14.71
C LEU A 264 -0.60 -4.22 15.50
N GLN A 265 0.56 -3.71 15.94
CA GLN A 265 0.59 -2.42 16.62
C GLN A 265 0.14 -1.30 15.69
N GLU A 266 0.53 -1.38 14.42
CA GLU A 266 0.07 -0.38 13.45
C GLU A 266 -1.44 -0.45 13.27
N ILE A 267 -1.99 -1.66 13.27
CA ILE A 267 -3.44 -1.82 13.12
C ILE A 267 -4.17 -1.26 14.33
N TYR A 268 -3.60 -1.43 15.52
CA TYR A 268 -4.20 -0.96 16.76
C TYR A 268 -3.72 0.41 17.18
N LYS A 269 -2.91 1.07 16.34
CA LYS A 269 -2.44 2.42 16.60
C LYS A 269 -3.59 3.35 16.98
N VAL B 3 30.09 -7.85 -5.42
CA VAL B 3 29.93 -6.85 -6.47
C VAL B 3 29.47 -7.55 -7.76
N ALA B 4 29.17 -8.84 -7.67
CA ALA B 4 28.71 -9.57 -8.84
C ALA B 4 27.26 -9.24 -9.17
N ASP B 5 26.43 -9.02 -8.15
CA ASP B 5 25.00 -8.78 -8.34
C ASP B 5 24.60 -7.34 -8.06
N LEU B 6 25.54 -6.44 -7.77
CA LEU B 6 25.21 -5.03 -7.76
C LEU B 6 24.90 -4.52 -9.16
N LYS B 7 25.43 -5.17 -10.20
CA LYS B 7 25.00 -4.91 -11.55
C LYS B 7 23.63 -5.52 -11.83
N ALA B 8 23.40 -6.74 -11.31
CA ALA B 8 22.07 -7.34 -11.42
C ALA B 8 21.03 -6.50 -10.71
N PHE B 9 21.27 -6.20 -9.43
CA PHE B 9 20.36 -5.35 -8.68
C PHE B 9 20.15 -4.02 -9.37
N SER B 10 21.23 -3.42 -9.89
CA SER B 10 21.11 -2.15 -10.60
C SER B 10 20.32 -2.31 -11.88
N LYS B 11 20.48 -3.44 -12.57
CA LYS B 11 19.80 -3.64 -13.85
C LYS B 11 18.29 -3.72 -13.68
N HIS B 12 17.82 -4.46 -12.68
CA HIS B 12 16.39 -4.55 -12.43
C HIS B 12 15.78 -3.18 -12.16
N ILE B 13 16.51 -2.31 -11.46
CA ILE B 13 16.00 -0.98 -11.14
C ILE B 13 15.88 -0.14 -12.41
N TYR B 14 16.88 -0.22 -13.29
CA TYR B 14 16.82 0.57 -14.52
C TYR B 14 15.69 0.11 -15.41
N ASN B 15 15.37 -1.19 -15.41
CA ASN B 15 14.24 -1.68 -16.18
C ASN B 15 12.92 -1.21 -15.58
N ALA B 16 12.81 -1.25 -14.24
CA ALA B 16 11.64 -0.67 -13.58
C ALA B 16 11.49 0.80 -13.95
N TYR B 17 12.61 1.50 -14.17
CA TYR B 17 12.59 2.90 -14.54
C TYR B 17 12.11 3.08 -15.98
N LEU B 18 12.70 2.35 -16.93
CA LEU B 18 12.30 2.47 -18.32
C LEU B 18 10.86 1.99 -18.54
N LYS B 19 10.37 1.10 -17.69
CA LYS B 19 9.06 0.50 -17.87
C LYS B 19 7.91 1.37 -17.38
N ASN B 20 8.18 2.36 -16.51
CA ASN B 20 7.12 2.99 -15.75
C ASN B 20 7.00 4.50 -15.89
N PHE B 21 8.02 5.19 -16.39
CA PHE B 21 7.99 6.65 -16.44
C PHE B 21 7.63 7.15 -17.84
N ASN B 22 6.83 8.22 -17.87
N ASN B 22 6.81 8.20 -17.87
CA ASN B 22 6.30 8.71 -19.14
CA ASN B 22 6.30 8.71 -19.14
C ASN B 22 7.40 9.16 -20.09
C ASN B 22 7.43 9.11 -20.07
N MET B 23 8.38 9.89 -19.58
CA MET B 23 9.45 10.44 -20.41
C MET B 23 10.79 10.27 -19.71
N THR B 24 11.77 9.76 -20.45
CA THR B 24 13.15 9.70 -20.00
C THR B 24 13.79 11.08 -20.12
N LYS B 25 14.88 11.27 -19.38
CA LYS B 25 15.68 12.47 -19.59
C LYS B 25 16.28 12.49 -20.98
N LYS B 26 16.61 11.32 -21.53
CA LYS B 26 17.12 11.25 -22.90
C LYS B 26 16.11 11.82 -23.89
N LYS B 27 14.84 11.44 -23.74
CA LYS B 27 13.80 11.98 -24.61
C LYS B 27 13.60 13.46 -24.35
N ALA B 28 13.54 13.86 -23.08
CA ALA B 28 13.33 15.28 -22.75
C ALA B 28 14.44 16.15 -23.33
N ARG B 29 15.67 15.66 -23.30
CA ARG B 29 16.79 16.45 -23.80
C ARG B 29 16.82 16.52 -25.33
N SER B 30 16.37 15.46 -26.01
CA SER B 30 16.24 15.53 -27.45
C SER B 30 15.22 16.61 -27.85
N ILE B 31 14.14 16.72 -27.09
CA ILE B 31 13.12 17.73 -27.39
C ILE B 31 13.67 19.13 -27.14
N LEU B 32 14.19 19.37 -25.94
CA LEU B 32 14.68 20.69 -25.57
C LEU B 32 15.82 21.17 -26.47
N THR B 33 16.39 20.30 -27.30
CA THR B 33 17.46 20.68 -28.20
C THR B 33 17.08 20.55 -29.67
N GLY B 34 15.88 20.07 -29.98
CA GLY B 34 15.40 20.05 -31.35
C GLY B 34 15.98 18.94 -32.21
N LYS B 35 16.18 17.75 -31.63
CA LYS B 35 16.68 16.60 -32.37
C LYS B 35 15.70 15.44 -32.41
N ALA B 36 14.55 15.56 -31.75
CA ALA B 36 13.62 14.43 -31.64
C ALA B 36 12.71 14.32 -32.85
N SER B 37 12.21 15.45 -33.35
CA SER B 37 11.27 15.44 -34.46
C SER B 37 11.37 16.75 -35.23
N HIS B 38 10.87 16.73 -36.46
CA HIS B 38 10.80 17.93 -37.29
C HIS B 38 9.70 18.88 -36.85
N THR B 39 9.03 18.61 -35.73
CA THR B 39 7.99 19.48 -35.20
C THR B 39 8.35 19.83 -33.76
N ALA B 40 8.32 21.11 -33.43
CA ALA B 40 8.85 21.61 -32.17
C ALA B 40 7.74 21.88 -31.17
N PRO B 41 8.06 21.96 -29.87
CA PRO B 41 7.03 22.25 -28.88
C PRO B 41 6.51 23.67 -28.99
N PHE B 42 5.21 23.82 -28.71
CA PHE B 42 4.56 25.13 -28.73
C PHE B 42 4.92 25.90 -27.46
N VAL B 43 5.41 27.12 -27.63
CA VAL B 43 5.90 27.91 -26.50
C VAL B 43 4.73 28.64 -25.85
N ILE B 44 4.60 28.47 -24.54
CA ILE B 44 3.59 29.15 -23.73
C ILE B 44 4.32 30.22 -22.93
N HIS B 45 4.02 31.50 -23.22
CA HIS B 45 4.71 32.60 -22.57
C HIS B 45 3.79 33.73 -22.11
N ASP B 46 2.48 33.62 -22.30
CA ASP B 46 1.56 34.63 -21.80
C ASP B 46 0.16 34.04 -21.80
N ILE B 47 -0.84 34.89 -21.52
CA ILE B 47 -2.22 34.42 -21.43
C ILE B 47 -2.68 33.88 -22.77
N GLU B 48 -2.47 34.65 -23.84
CA GLU B 48 -2.93 34.24 -25.16
C GLU B 48 -2.41 32.85 -25.51
N THR B 49 -1.08 32.68 -25.52
CA THR B 49 -0.51 31.39 -25.89
C THR B 49 -0.99 30.29 -24.96
N LEU B 50 -1.16 30.60 -23.67
CA LEU B 50 -1.72 29.61 -22.75
C LEU B 50 -3.11 29.18 -23.21
N TRP B 51 -3.95 30.14 -23.59
CA TRP B 51 -5.30 29.83 -24.04
C TRP B 51 -5.25 28.94 -25.29
N GLN B 52 -4.39 29.29 -26.26
CA GLN B 52 -4.28 28.48 -27.46
C GLN B 52 -3.82 27.06 -27.12
N ALA B 53 -2.90 26.93 -26.16
CA ALA B 53 -2.45 25.62 -25.75
C ALA B 53 -3.60 24.79 -25.17
N GLU B 54 -4.42 25.41 -24.32
CA GLU B 54 -5.54 24.70 -23.73
C GLU B 54 -6.55 24.24 -24.77
N LYS B 55 -6.58 24.88 -25.94
CA LYS B 55 -7.40 24.42 -27.05
C LYS B 55 -6.61 23.58 -28.05
N GLY B 56 -5.36 23.95 -28.33
CA GLY B 56 -4.58 23.28 -29.34
C GLY B 56 -4.08 21.91 -28.91
N LEU B 57 -3.38 21.85 -27.78
CA LEU B 57 -2.79 20.61 -27.30
C LEU B 57 -3.35 20.22 -25.95
N GLY B 65 -12.15 19.29 -17.71
CA GLY B 65 -11.44 18.18 -17.09
C GLY B 65 -10.89 18.50 -15.71
N LEU B 66 -10.96 19.76 -15.31
CA LEU B 66 -10.39 20.26 -14.08
C LEU B 66 -11.44 21.01 -13.29
N PRO B 67 -11.13 21.38 -12.04
CA PRO B 67 -12.13 22.06 -11.21
C PRO B 67 -12.62 23.34 -11.85
N PRO B 68 -13.61 24.00 -11.25
CA PRO B 68 -14.12 25.25 -11.82
C PRO B 68 -13.02 26.29 -11.99
N TYR B 69 -13.09 27.01 -13.10
CA TYR B 69 -12.09 28.04 -13.39
C TYR B 69 -12.21 29.17 -12.36
N LYS B 70 -11.05 29.62 -11.88
CA LYS B 70 -10.97 30.77 -10.98
C LYS B 70 -10.12 31.89 -11.57
N GLU B 71 -8.83 31.65 -11.77
CA GLU B 71 -7.96 32.64 -12.40
C GLU B 71 -6.80 31.90 -13.04
N ILE B 72 -5.89 32.67 -13.66
CA ILE B 72 -4.82 32.07 -14.45
C ILE B 72 -3.79 31.41 -13.53
N SER B 73 -3.36 32.13 -12.49
CA SER B 73 -2.40 31.56 -11.55
C SER B 73 -2.94 30.28 -10.93
N VAL B 74 -4.22 30.27 -10.57
CA VAL B 74 -4.81 29.07 -9.97
C VAL B 74 -4.91 27.97 -11.01
N HIS B 75 -5.27 28.31 -12.25
CA HIS B 75 -5.36 27.30 -13.30
C HIS B 75 -4.02 26.60 -13.50
N VAL B 76 -2.93 27.37 -13.54
CA VAL B 76 -1.60 26.78 -13.63
C VAL B 76 -1.35 25.88 -12.42
N PHE B 77 -1.71 26.35 -11.23
CA PHE B 77 -1.53 25.55 -10.02
C PHE B 77 -2.22 24.20 -10.16
N TYR B 78 -3.44 24.20 -10.72
CA TYR B 78 -4.13 22.94 -10.97
C TYR B 78 -3.36 22.07 -11.95
N ARG B 79 -2.78 22.68 -12.99
CA ARG B 79 -2.00 21.91 -13.94
C ARG B 79 -0.79 21.26 -13.28
N CYS B 80 -0.12 22.00 -12.38
CA CYS B 80 0.96 21.42 -11.62
C CYS B 80 0.47 20.22 -10.81
N GLN B 81 -0.69 20.36 -10.16
CA GLN B 81 -1.26 19.24 -9.39
C GLN B 81 -1.45 18.02 -10.27
N CYS B 82 -2.01 18.21 -11.46
CA CYS B 82 -2.26 17.09 -12.36
C CYS B 82 -0.97 16.31 -12.63
N THR B 83 0.07 17.03 -13.06
CA THR B 83 1.35 16.39 -13.32
C THR B 83 1.88 15.72 -12.05
N THR B 84 1.79 16.41 -10.91
CA THR B 84 2.25 15.83 -9.66
C THR B 84 1.56 14.50 -9.37
N VAL B 85 0.22 14.50 -9.37
CA VAL B 85 -0.53 13.29 -9.05
C VAL B 85 -0.17 12.17 -10.02
N GLU B 86 0.05 12.51 -11.29
CA GLU B 86 0.38 11.47 -12.26
C GLU B 86 1.78 10.93 -12.05
N THR B 87 2.73 11.80 -11.67
CA THR B 87 4.08 11.32 -11.37
C THR B 87 4.10 10.45 -10.12
N VAL B 88 3.26 10.76 -9.13
CA VAL B 88 3.12 9.88 -7.98
C VAL B 88 2.66 8.50 -8.42
N ARG B 89 1.72 8.44 -9.35
CA ARG B 89 1.25 7.16 -9.86
C ARG B 89 2.39 6.41 -10.53
N GLU B 90 3.21 7.11 -11.30
CA GLU B 90 4.37 6.47 -11.93
C GLU B 90 5.37 6.00 -10.89
N LEU B 91 5.69 6.86 -9.92
CA LEU B 91 6.64 6.48 -8.88
C LEU B 91 6.15 5.29 -8.09
N THR B 92 4.83 5.18 -7.90
CA THR B 92 4.29 4.03 -7.17
C THR B 92 4.51 2.74 -7.94
N GLU B 93 4.28 2.75 -9.26
CA GLU B 93 4.52 1.56 -10.06
C GLU B 93 6.01 1.30 -10.24
N PHE B 94 6.83 2.35 -10.22
CA PHE B 94 8.27 2.18 -10.24
C PHE B 94 8.74 1.46 -8.98
N ALA B 95 8.27 1.91 -7.81
CA ALA B 95 8.66 1.29 -6.55
C ALA B 95 8.25 -0.17 -6.51
N LYS B 96 6.98 -0.46 -6.80
CA LYS B 96 6.51 -1.85 -6.77
C LYS B 96 7.18 -2.73 -7.82
N SER B 97 7.87 -2.14 -8.80
CA SER B 97 8.67 -2.90 -9.74
C SER B 97 10.05 -3.24 -9.19
N ILE B 98 10.36 -2.83 -7.96
CA ILE B 98 11.61 -3.17 -7.30
C ILE B 98 11.30 -4.31 -6.32
N PRO B 99 11.81 -5.52 -6.53
CA PRO B 99 11.47 -6.62 -5.61
C PRO B 99 11.70 -6.28 -4.15
N SER B 100 12.77 -5.53 -3.85
CA SER B 100 13.02 -5.14 -2.47
C SER B 100 11.85 -4.34 -1.90
N PHE B 101 11.32 -3.40 -2.69
CA PHE B 101 10.22 -2.57 -2.22
C PHE B 101 8.95 -3.39 -2.05
N SER B 102 8.64 -4.24 -3.02
CA SER B 102 7.41 -5.04 -2.95
C SER B 102 7.42 -5.97 -1.75
N SER B 103 8.60 -6.42 -1.32
CA SER B 103 8.68 -7.35 -0.19
C SER B 103 8.25 -6.71 1.12
N LEU B 104 8.26 -5.37 1.20
CA LEU B 104 7.87 -4.69 2.42
C LEU B 104 6.35 -4.77 2.60
N PHE B 105 5.92 -4.72 3.86
CA PHE B 105 4.49 -4.68 4.13
C PHE B 105 3.88 -3.43 3.51
N LEU B 106 2.58 -3.52 3.21
CA LEU B 106 1.92 -2.46 2.46
C LEU B 106 1.97 -1.13 3.21
N ASN B 107 1.84 -1.17 4.54
CA ASN B 107 1.85 0.07 5.31
C ASN B 107 3.20 0.77 5.24
N ASP B 108 4.30 0.01 5.11
CA ASP B 108 5.60 0.64 4.97
C ASP B 108 5.78 1.24 3.59
N GLN B 109 5.26 0.57 2.56
CA GLN B 109 5.33 1.11 1.20
C GLN B 109 4.65 2.48 1.12
N VAL B 110 3.47 2.60 1.74
CA VAL B 110 2.77 3.89 1.74
C VAL B 110 3.58 4.94 2.46
N THR B 111 4.20 4.57 3.59
CA THR B 111 5.00 5.53 4.33
C THR B 111 6.16 6.06 3.49
N LEU B 112 6.86 5.17 2.78
CA LEU B 112 8.00 5.61 1.98
C LEU B 112 7.54 6.51 0.83
N LEU B 113 6.45 6.15 0.16
CA LEU B 113 5.94 6.99 -0.92
C LEU B 113 5.43 8.33 -0.39
N LYS B 114 4.71 8.31 0.74
CA LYS B 114 4.18 9.54 1.30
C LYS B 114 5.26 10.60 1.45
N TYR B 115 6.38 10.25 2.09
CA TYR B 115 7.44 11.19 2.39
C TYR B 115 8.54 11.22 1.34
N GLY B 116 8.46 10.39 0.31
CA GLY B 116 9.52 10.31 -0.68
C GLY B 116 9.19 10.88 -2.05
N VAL B 117 7.92 10.80 -2.46
CA VAL B 117 7.59 11.12 -3.85
C VAL B 117 8.00 12.55 -4.19
N HIS B 118 7.77 13.51 -3.29
CA HIS B 118 8.04 14.90 -3.61
C HIS B 118 9.52 15.14 -3.85
N GLU B 119 10.39 14.53 -3.04
CA GLU B 119 11.82 14.63 -3.31
C GLU B 119 12.16 14.03 -4.67
N ALA B 120 11.56 12.89 -5.00
CA ALA B 120 11.79 12.26 -6.29
C ALA B 120 11.27 13.15 -7.42
N ILE B 121 10.02 13.62 -7.31
CA ILE B 121 9.43 14.45 -8.35
C ILE B 121 10.35 15.62 -8.70
N PHE B 122 10.85 16.32 -7.67
CA PHE B 122 11.67 17.48 -7.92
C PHE B 122 13.06 17.13 -8.42
N ALA B 123 13.53 15.90 -8.15
CA ALA B 123 14.76 15.44 -8.78
C ALA B 123 14.53 15.16 -10.26
N MET B 124 13.42 14.51 -10.59
CA MET B 124 13.10 14.21 -11.98
C MET B 124 12.76 15.48 -12.75
N LEU B 125 12.09 16.44 -12.08
CA LEU B 125 11.73 17.69 -12.73
C LEU B 125 12.90 18.28 -13.50
N ALA B 126 14.10 18.20 -12.93
CA ALA B 126 15.27 18.75 -13.60
C ALA B 126 15.44 18.19 -15.01
N SER B 127 14.94 16.98 -15.25
CA SER B 127 15.09 16.37 -16.57
C SER B 127 14.37 17.15 -17.66
N ILE B 128 13.26 17.80 -17.32
CA ILE B 128 12.44 18.52 -18.29
C ILE B 128 12.67 20.03 -18.21
N VAL B 129 13.74 20.46 -17.54
CA VAL B 129 13.97 21.87 -17.24
C VAL B 129 15.28 22.32 -17.86
N ASN B 130 15.26 23.52 -18.45
CA ASN B 130 16.46 24.31 -18.69
C ASN B 130 16.23 25.68 -18.08
N LYS B 131 17.23 26.56 -18.22
CA LYS B 131 17.16 27.86 -17.54
C LYS B 131 16.00 28.72 -18.00
N ASP B 132 15.42 28.45 -19.17
CA ASP B 132 14.40 29.31 -19.75
C ASP B 132 12.98 28.81 -19.54
N GLY B 133 12.80 27.55 -19.14
CA GLY B 133 11.46 27.03 -18.95
C GLY B 133 11.50 25.53 -18.80
N LEU B 134 10.35 24.89 -19.05
CA LEU B 134 10.27 23.44 -18.94
C LEU B 134 9.14 22.92 -19.81
N LEU B 135 9.23 21.62 -20.13
CA LEU B 135 8.28 20.97 -21.01
C LEU B 135 7.00 20.62 -20.28
N VAL B 136 5.89 20.67 -21.01
CA VAL B 136 4.59 20.25 -20.52
C VAL B 136 3.89 19.48 -21.63
N ALA B 137 2.80 18.81 -21.26
CA ALA B 137 1.97 18.07 -22.21
C ALA B 137 2.82 17.07 -23.01
N ASN B 138 3.51 16.20 -22.29
CA ASN B 138 4.32 15.14 -22.88
C ASN B 138 5.28 15.70 -23.92
N GLY B 139 5.85 16.87 -23.63
CA GLY B 139 6.79 17.50 -24.53
C GLY B 139 6.16 18.27 -25.68
N SER B 140 4.83 18.33 -25.75
CA SER B 140 4.18 19.11 -26.79
C SER B 140 4.32 20.61 -26.53
N GLY B 141 4.46 21.01 -25.28
CA GLY B 141 4.56 22.41 -24.93
C GLY B 141 5.82 22.75 -24.16
N PHE B 142 6.16 24.04 -24.13
CA PHE B 142 7.31 24.54 -23.38
C PHE B 142 6.89 25.84 -22.71
N VAL B 143 6.72 25.82 -21.39
CA VAL B 143 6.30 26.99 -20.64
C VAL B 143 7.55 27.76 -20.22
N THR B 144 7.56 29.06 -20.48
CA THR B 144 8.71 29.88 -20.17
C THR B 144 8.80 30.17 -18.69
N ARG B 145 10.04 30.24 -18.19
CA ARG B 145 10.28 30.57 -16.79
C ARG B 145 9.79 31.97 -16.47
N GLU B 146 9.93 32.91 -17.41
CA GLU B 146 9.48 34.27 -17.17
C GLU B 146 7.97 34.33 -16.98
N PHE B 147 7.23 33.58 -17.79
CA PHE B 147 5.78 33.53 -17.62
C PHE B 147 5.41 33.03 -16.22
N LEU B 148 6.08 31.98 -15.74
CA LEU B 148 5.79 31.46 -14.42
C LEU B 148 6.18 32.45 -13.32
N ARG B 149 7.25 33.21 -13.53
CA ARG B 149 7.59 34.28 -12.61
C ARG B 149 6.56 35.38 -12.60
N SER B 150 5.78 35.54 -13.67
CA SER B 150 4.79 36.60 -13.77
C SER B 150 3.52 36.29 -13.00
N LEU B 151 3.33 35.05 -12.55
CA LEU B 151 2.16 34.74 -11.74
C LEU B 151 2.25 35.47 -10.40
N ARG B 152 1.10 35.68 -9.78
CA ARG B 152 1.07 36.39 -8.52
C ARG B 152 1.52 35.46 -7.40
N LYS B 153 2.04 36.06 -6.34
CA LYS B 153 2.36 35.30 -5.15
C LYS B 153 1.07 34.71 -4.60
N PRO B 154 1.14 33.53 -3.96
CA PRO B 154 2.34 32.76 -3.64
C PRO B 154 2.76 31.76 -4.73
N PHE B 155 2.04 31.74 -5.85
CA PHE B 155 2.30 30.70 -6.85
C PHE B 155 3.63 30.91 -7.55
N SER B 156 4.01 32.15 -7.81
CA SER B 156 5.33 32.41 -8.38
C SER B 156 6.43 31.97 -7.42
N ASP B 157 6.21 32.16 -6.12
CA ASP B 157 7.22 31.82 -5.13
C ASP B 157 7.37 30.32 -4.93
N ILE B 158 6.36 29.52 -5.30
CA ILE B 158 6.46 28.07 -5.15
C ILE B 158 7.11 27.40 -6.34
N ILE B 159 7.17 28.08 -7.50
CA ILE B 159 7.75 27.51 -8.71
C ILE B 159 9.23 27.85 -8.82
N GLU B 160 9.60 29.09 -8.51
CA GLU B 160 10.94 29.56 -8.84
C GLU B 160 12.05 28.78 -8.15
N PRO B 161 11.94 28.42 -6.85
CA PRO B 161 13.05 27.68 -6.23
C PRO B 161 13.37 26.37 -6.93
N LYS B 162 12.39 25.74 -7.59
CA LYS B 162 12.65 24.49 -8.29
C LYS B 162 13.53 24.72 -9.51
N PHE B 163 13.40 25.86 -10.18
CA PHE B 163 14.29 26.16 -11.29
C PHE B 163 15.73 26.32 -10.81
N GLU B 164 15.92 27.04 -9.71
CA GLU B 164 17.27 27.20 -9.17
C GLU B 164 17.90 25.86 -8.85
N PHE B 165 17.11 24.92 -8.33
CA PHE B 165 17.63 23.58 -8.05
C PHE B 165 17.88 22.81 -9.34
N ALA B 166 16.96 22.89 -10.29
CA ALA B 166 17.08 22.10 -11.51
C ALA B 166 18.34 22.45 -12.29
N VAL B 167 18.59 23.75 -12.45
CA VAL B 167 19.75 24.18 -13.25
C VAL B 167 21.05 23.73 -12.60
N LYS B 168 21.10 23.70 -11.26
CA LYS B 168 22.30 23.26 -10.59
C LYS B 168 22.39 21.73 -10.52
N PHE B 169 21.25 21.05 -10.55
CA PHE B 169 21.26 19.59 -10.63
C PHE B 169 21.70 19.12 -12.01
N ASN B 170 21.20 19.76 -13.06
CA ASN B 170 21.54 19.34 -14.42
C ASN B 170 23.02 19.54 -14.73
N ALA B 171 23.73 20.36 -13.96
CA ALA B 171 25.15 20.53 -14.18
C ALA B 171 25.94 19.27 -13.88
N LEU B 172 25.40 18.37 -13.06
CA LEU B 172 26.05 17.09 -12.80
C LEU B 172 26.00 16.16 -13.99
N GLU B 173 25.07 16.39 -14.92
CA GLU B 173 25.01 15.64 -16.19
C GLU B 173 24.72 14.16 -15.94
N LEU B 174 23.70 13.88 -15.14
CA LEU B 174 23.25 12.51 -14.95
C LEU B 174 22.43 12.05 -16.14
N ASP B 175 22.56 10.76 -16.46
CA ASP B 175 21.72 10.12 -17.45
C ASP B 175 20.66 9.28 -16.75
N ASP B 176 19.80 8.65 -17.55
CA ASP B 176 18.66 7.92 -17.00
C ASP B 176 19.11 6.81 -16.05
N SER B 177 20.20 6.12 -16.38
CA SER B 177 20.66 5.04 -15.53
C SER B 177 21.09 5.56 -14.16
N ASP B 178 21.81 6.68 -14.12
CA ASP B 178 22.14 7.30 -12.83
C ASP B 178 20.87 7.65 -12.07
N LEU B 179 19.89 8.25 -12.75
CA LEU B 179 18.69 8.73 -12.07
C LEU B 179 17.88 7.59 -11.49
N ALA B 180 17.77 6.47 -12.22
CA ALA B 180 16.98 5.35 -11.74
C ALA B 180 17.45 4.92 -10.35
N LEU B 181 18.76 4.78 -10.18
CA LEU B 181 19.31 4.44 -8.86
C LEU B 181 19.10 5.59 -7.88
N PHE B 182 19.29 6.83 -8.35
CA PHE B 182 19.13 7.99 -7.48
C PHE B 182 17.70 8.08 -6.94
N ILE B 183 16.71 7.99 -7.84
CA ILE B 183 15.32 8.01 -7.39
C ILE B 183 15.07 6.86 -6.41
N ALA B 184 15.62 5.68 -6.71
CA ALA B 184 15.43 4.53 -5.82
C ALA B 184 15.96 4.84 -4.43
N ALA B 185 17.11 5.51 -4.33
CA ALA B 185 17.69 5.81 -3.03
C ALA B 185 16.84 6.81 -2.25
N ILE B 186 16.17 7.72 -2.96
CA ILE B 186 15.31 8.70 -2.29
C ILE B 186 14.10 8.02 -1.66
N ILE B 187 13.47 7.10 -2.39
CA ILE B 187 12.24 6.47 -1.92
C ILE B 187 12.54 5.54 -0.76
N LEU B 188 13.46 4.60 -0.95
CA LEU B 188 13.84 3.66 0.09
C LEU B 188 14.78 4.35 1.07
N CYS B 189 14.20 5.24 1.87
CA CYS B 189 14.91 5.99 2.89
C CYS B 189 14.43 5.55 4.26
N GLY B 190 15.37 5.19 5.13
CA GLY B 190 15.03 4.68 6.44
C GLY B 190 14.62 5.72 7.46
N ASP B 191 14.76 7.01 7.14
CA ASP B 191 14.49 8.08 8.08
C ASP B 191 13.04 8.54 8.08
N ARG B 192 12.18 7.93 7.29
CA ARG B 192 10.81 8.41 7.17
C ARG B 192 10.05 8.18 8.47
N PRO B 193 9.21 9.12 8.90
CA PRO B 193 8.51 8.95 10.18
C PRO B 193 7.47 7.85 10.14
N GLY B 194 7.29 7.18 11.28
CA GLY B 194 6.32 6.13 11.38
C GLY B 194 6.64 4.88 10.59
N LEU B 195 7.85 4.78 10.04
CA LEU B 195 8.24 3.60 9.30
C LEU B 195 8.31 2.40 10.25
N MET B 196 7.81 1.25 9.77
CA MET B 196 7.68 0.08 10.65
C MET B 196 8.99 -0.69 10.75
N ASN B 197 9.51 -1.16 9.61
CA ASN B 197 10.72 -1.99 9.59
C ASN B 197 11.89 -1.14 9.10
N VAL B 198 12.45 -0.36 10.03
CA VAL B 198 13.58 0.50 9.69
C VAL B 198 14.81 -0.30 9.28
N PRO B 199 15.22 -1.34 10.01
CA PRO B 199 16.44 -2.07 9.61
C PRO B 199 16.41 -2.56 8.18
N ARG B 200 15.29 -3.17 7.76
CA ARG B 200 15.18 -3.65 6.39
C ARG B 200 15.34 -2.51 5.39
N VAL B 201 14.57 -1.43 5.58
CA VAL B 201 14.64 -0.30 4.65
C VAL B 201 16.05 0.28 4.61
N GLU B 202 16.66 0.46 5.79
CA GLU B 202 18.03 0.97 5.84
C GLU B 202 18.98 0.04 5.08
N ALA B 203 18.80 -1.28 5.22
CA ALA B 203 19.64 -2.21 4.49
C ALA B 203 19.43 -2.08 2.98
N ILE B 204 18.17 -2.02 2.54
CA ILE B 204 17.89 -1.86 1.12
C ILE B 204 18.52 -0.58 0.61
N GLN B 205 18.33 0.53 1.34
CA GLN B 205 18.92 1.80 0.94
C GLN B 205 20.43 1.67 0.76
N ASP B 206 21.10 1.05 1.74
CA ASP B 206 22.54 0.90 1.66
C ASP B 206 22.94 0.14 0.39
N THR B 207 22.20 -0.92 0.06
CA THR B 207 22.50 -1.67 -1.15
C THR B 207 22.37 -0.79 -2.39
N ILE B 208 21.36 0.09 -2.41
CA ILE B 208 21.17 0.96 -3.56
C ILE B 208 22.32 1.94 -3.70
N LEU B 209 22.77 2.51 -2.57
CA LEU B 209 23.84 3.50 -2.63
C LEU B 209 25.15 2.87 -3.06
N ARG B 210 25.42 1.64 -2.61
CA ARG B 210 26.58 0.91 -3.11
C ARG B 210 26.49 0.73 -4.62
N ALA B 211 25.32 0.29 -5.10
CA ALA B 211 25.13 0.14 -6.54
C ALA B 211 25.34 1.46 -7.26
N LEU B 212 24.78 2.54 -6.73
CA LEU B 212 24.94 3.85 -7.36
C LEU B 212 26.41 4.21 -7.49
N GLU B 213 27.16 4.14 -6.39
CA GLU B 213 28.58 4.48 -6.46
C GLU B 213 29.29 3.63 -7.49
N PHE B 214 29.11 2.31 -7.41
CA PHE B 214 29.69 1.42 -8.42
C PHE B 214 29.29 1.85 -9.82
N HIS B 215 28.00 2.12 -10.02
CA HIS B 215 27.53 2.57 -11.33
C HIS B 215 28.22 3.85 -11.76
N LEU B 216 28.31 4.83 -10.86
CA LEU B 216 28.91 6.12 -11.21
C LEU B 216 30.37 5.94 -11.62
N GLN B 217 31.10 5.04 -10.98
CA GLN B 217 32.50 4.86 -11.32
C GLN B 217 32.67 4.32 -12.73
N ALA B 218 31.73 3.51 -13.21
CA ALA B 218 31.81 2.96 -14.55
C ALA B 218 31.23 3.90 -15.60
N ASN B 219 30.12 4.58 -15.28
CA ASN B 219 29.45 5.42 -16.26
C ASN B 219 30.10 6.79 -16.39
N HIS B 220 30.59 7.34 -15.28
CA HIS B 220 31.28 8.63 -15.26
C HIS B 220 32.72 8.38 -14.80
N PRO B 221 33.54 7.78 -15.66
CA PRO B 221 34.86 7.32 -15.20
C PRO B 221 35.76 8.42 -14.67
N ASP B 222 35.73 9.60 -15.27
CA ASP B 222 36.60 10.71 -14.86
C ASP B 222 35.81 11.85 -14.22
N ALA B 223 34.72 11.52 -13.54
CA ALA B 223 33.92 12.50 -12.80
C ALA B 223 34.19 12.30 -11.32
N GLN B 224 35.13 13.08 -10.79
CA GLN B 224 35.49 12.98 -9.38
C GLN B 224 34.45 13.66 -8.51
N TYR B 225 34.28 13.13 -7.30
CA TYR B 225 33.38 13.69 -6.28
C TYR B 225 31.92 13.59 -6.66
N LEU B 226 31.56 12.78 -7.65
CA LEU B 226 30.17 12.75 -8.09
C LEU B 226 29.26 12.12 -7.04
N PHE B 227 29.68 11.00 -6.45
CA PHE B 227 28.84 10.35 -5.44
C PHE B 227 28.66 11.21 -4.21
N PRO B 228 29.70 11.83 -3.64
CA PRO B 228 29.46 12.77 -2.53
C PRO B 228 28.52 13.90 -2.90
N LYS B 229 28.71 14.51 -4.06
CA LYS B 229 27.81 15.57 -4.49
C LYS B 229 26.37 15.10 -4.52
N LEU B 230 26.13 13.89 -5.04
CA LEU B 230 24.76 13.38 -5.09
C LEU B 230 24.18 13.17 -3.70
N LEU B 231 25.00 12.69 -2.76
CA LEU B 231 24.53 12.60 -1.39
C LEU B 231 24.11 13.96 -0.86
N GLN B 232 24.88 15.00 -1.18
CA GLN B 232 24.52 16.35 -0.77
C GLN B 232 23.23 16.80 -1.44
N LYS B 233 23.04 16.43 -2.72
CA LYS B 233 21.81 16.80 -3.42
C LYS B 233 20.59 16.16 -2.78
N MET B 234 20.76 14.99 -2.15
CA MET B 234 19.66 14.39 -1.41
C MET B 234 19.32 15.22 -0.18
N ALA B 235 20.33 15.79 0.47
CA ALA B 235 20.08 16.70 1.58
C ALA B 235 19.40 17.98 1.08
N ASP B 236 19.87 18.51 -0.06
CA ASP B 236 19.24 19.70 -0.62
C ASP B 236 17.77 19.44 -0.94
N LEU B 237 17.46 18.25 -1.45
CA LEU B 237 16.08 17.94 -1.81
C LEU B 237 15.19 17.88 -0.57
N ARG B 238 15.71 17.37 0.55
CA ARG B 238 14.94 17.38 1.79
C ARG B 238 14.59 18.80 2.19
N GLN B 239 15.56 19.71 2.15
CA GLN B 239 15.31 21.11 2.45
C GLN B 239 14.30 21.70 1.48
N LEU B 240 14.50 21.47 0.19
CA LEU B 240 13.59 21.98 -0.82
C LEU B 240 12.15 21.54 -0.54
N VAL B 241 11.95 20.26 -0.25
CA VAL B 241 10.62 19.74 0.03
C VAL B 241 10.07 20.34 1.32
N THR B 242 10.93 20.50 2.33
CA THR B 242 10.48 21.13 3.57
C THR B 242 9.99 22.55 3.30
N GLU B 243 10.74 23.31 2.51
CA GLU B 243 10.31 24.67 2.16
C GLU B 243 9.08 24.65 1.26
N HIS B 244 8.89 23.58 0.49
CA HIS B 244 7.72 23.48 -0.36
C HIS B 244 6.46 23.21 0.45
N ALA B 245 6.55 22.28 1.42
CA ALA B 245 5.40 22.00 2.28
C ALA B 245 4.99 23.25 3.06
N GLN B 246 5.98 24.03 3.50
CA GLN B 246 5.68 25.26 4.23
C GLN B 246 4.90 26.24 3.37
N MET B 247 5.30 26.40 2.10
CA MET B 247 4.58 27.29 1.20
C MET B 247 3.21 26.71 0.84
N MET B 248 3.12 25.39 0.71
CA MET B 248 1.81 24.76 0.48
C MET B 248 0.88 25.05 1.65
N GLN B 249 1.39 25.01 2.87
CA GLN B 249 0.56 25.34 4.02
C GLN B 249 0.01 26.76 3.94
N ARG B 250 0.77 27.68 3.35
CA ARG B 250 0.32 29.06 3.25
C ARG B 250 -0.75 29.21 2.17
N ILE B 251 -0.63 28.48 1.08
CA ILE B 251 -1.69 28.48 0.06
C ILE B 251 -2.99 27.99 0.68
N LYS B 252 -2.92 26.89 1.42
CA LYS B 252 -4.09 26.31 2.06
C LYS B 252 -4.76 27.29 3.02
N LYS B 253 -3.97 28.16 3.65
CA LYS B 253 -4.48 29.10 4.64
C LYS B 253 -5.00 30.38 4.01
N THR B 254 -4.28 30.93 3.03
CA THR B 254 -4.61 32.23 2.46
C THR B 254 -5.38 32.15 1.15
N GLU B 255 -5.41 30.99 0.51
CA GLU B 255 -6.06 30.82 -0.80
C GLU B 255 -7.20 29.81 -0.63
N THR B 256 -8.29 30.25 0.00
CA THR B 256 -9.40 29.36 0.28
C THR B 256 -10.19 28.99 -0.97
N GLU B 257 -10.13 29.81 -2.02
CA GLU B 257 -10.81 29.51 -3.28
C GLU B 257 -10.02 28.54 -4.15
N THR B 258 -8.94 27.95 -3.63
CA THR B 258 -8.09 27.02 -4.38
C THR B 258 -8.21 25.64 -3.77
N SER B 259 -8.53 24.65 -4.59
CA SER B 259 -8.71 23.28 -4.12
C SER B 259 -7.41 22.48 -4.26
N LEU B 260 -7.28 21.45 -3.44
CA LEU B 260 -6.13 20.56 -3.48
C LEU B 260 -6.61 19.13 -3.72
N HIS B 261 -5.99 18.47 -4.69
CA HIS B 261 -6.41 17.12 -5.04
C HIS B 261 -6.41 16.23 -3.80
N PRO B 262 -7.34 15.27 -3.69
CA PRO B 262 -7.41 14.48 -2.46
C PRO B 262 -6.12 13.75 -2.11
N LEU B 263 -5.52 13.03 -3.07
CA LEU B 263 -4.27 12.35 -2.79
C LEU B 263 -3.23 13.29 -2.21
N LEU B 264 -3.14 14.51 -2.74
CA LEU B 264 -2.20 15.48 -2.21
C LEU B 264 -2.58 15.89 -0.78
N GLN B 265 -3.88 15.99 -0.51
CA GLN B 265 -4.31 16.25 0.87
C GLN B 265 -3.81 15.17 1.81
N GLU B 266 -3.83 13.91 1.36
CA GLU B 266 -3.31 12.82 2.18
C GLU B 266 -1.83 13.01 2.47
N ILE B 267 -1.05 13.36 1.45
CA ILE B 267 0.40 13.49 1.63
C ILE B 267 0.72 14.61 2.62
N TYR B 268 -0.03 15.71 2.55
CA TYR B 268 0.26 16.89 3.36
C TYR B 268 -0.47 16.89 4.70
N LYS B 269 -1.11 15.79 5.06
CA LYS B 269 -1.79 15.68 6.34
C LYS B 269 -0.80 15.76 7.50
C5 B7G C . -2.61 6.40 5.34
O5 B7G C . -2.49 7.10 4.06
C1 B7G C . -1.71 8.34 4.16
C2 B7G C . -2.25 9.25 5.25
C3 B7G C . -2.26 8.56 6.55
C4 B7G C . -3.05 7.31 6.48
C6 B7G C . -3.59 5.28 5.20
O1 B7G C . -1.74 8.99 2.93
C7 B7G C . -0.51 8.95 2.19
C8 B7G C . -0.80 9.31 0.71
C9 B7G C . 0.42 8.99 -0.18
C10 B7G C . 0.20 7.68 -0.97
C11 B7G C . 1.12 7.68 -2.22
C12 B7G C . 1.05 6.32 -2.96
O2 B7G C . -1.43 10.43 5.34
O3 B7G C . -2.83 9.44 7.57
O4 B7G C . -2.90 6.60 7.73
O6 B7G C . -3.27 4.51 4.09
C13 B7G C . -0.37 6.03 -3.45
H5 B7G C . -1.74 6.02 5.56
H1 B7G C . -0.79 8.11 4.36
H2 B7G C . -3.17 9.52 5.02
H3 B7G C . -1.35 8.34 6.80
H4 B7G C . -4.00 7.54 6.37
H61 B7G C . -4.49 5.66 5.09
H62 B7G C . -3.57 4.73 6.01
H71 B7G C . -0.13 8.06 2.24
H72 B7G C . 0.13 9.60 2.57
H81 B7G C . -1.56 8.79 0.39
H82 B7G C . -1.01 10.27 0.65
H91 B7G C . 0.54 9.72 -0.81
H92 B7G C . 1.23 8.92 0.37
H101 B7G C . 0.40 6.91 -0.41
H102 B7G C . -0.73 7.63 -1.26
H111 B7G C . 0.85 8.40 -2.83
H112 B7G C . 2.05 7.84 -1.92
H121 B7G C . 1.66 6.34 -3.72
H122 B7G C . 1.33 5.61 -2.34
HO2 B7G C . -1.95 11.16 5.31
HO3 B7G C . -2.23 9.59 8.20
HO4 B7G C . -3.64 6.70 8.22
HO6 B7G C . -3.82 3.82 4.03
H131 B7G C . -0.64 6.71 -4.10
H132 B7G C . -0.40 5.15 -3.87
H133 B7G C . -0.98 6.04 -2.69
C1 PGO D . -11.30 -20.11 5.16
C2 PGO D . -10.02 -20.89 5.26
C3 PGO D . -9.86 -21.50 6.64
O1 PGO D . -12.18 -20.76 4.27
O2 PGO D . -8.92 -20.04 5.00
H11 PGO D . -11.11 -19.21 4.84
H12 PGO D . -11.72 -20.05 6.05
H2 PGO D . -10.04 -21.61 4.60
H31 PGO D . -10.22 -20.89 7.31
H32 PGO D . -8.92 -21.66 6.82
H33 PGO D . -10.35 -22.34 6.68
HO1 PGO D . -12.36 -21.56 4.58
HO2 PGO D . -8.98 -19.73 4.17
C1 PGO E . -7.86 -19.65 8.45
C2 PGO E . -7.71 -18.99 9.81
C3 PGO E . -7.67 -17.48 9.62
O1 PGO E . -6.79 -19.29 7.62
O2 PGO E . -6.52 -19.41 10.41
H11 PGO E . -8.70 -19.38 8.05
H12 PGO E . -7.87 -20.63 8.57
H2 PGO E . -8.47 -19.22 10.37
H31 PGO E . -6.77 -17.15 9.84
H32 PGO E . -8.32 -17.06 10.21
H33 PGO E . -7.88 -17.26 8.69
HO1 PGO E . -6.86 -19.71 6.85
HO2 PGO E . -6.46 -19.08 11.23
C10 7SV F . -7.80 -16.14 18.55
C13 7SV F . -9.76 -18.06 18.14
C15 7SV F . -7.56 -17.21 17.70
C20 7SV F . -4.83 -20.03 16.28
C21 7SV F . -3.48 -20.23 16.04
C22 7SV F . -2.71 -20.96 16.93
C24 7SV F . -2.48 -22.25 18.98
C26 7SV F . -0.52 -23.66 19.26
C28 7SV F . -1.93 -23.18 21.14
O01 7SV F . -5.00 -10.01 15.85
C02 7SV F . -4.68 -9.80 17.06
O03 7SV F . -5.20 -8.82 17.66
C04 7SV F . -3.70 -10.72 17.79
C05 7SV F . -4.35 -11.37 19.03
C06 7SV F . -5.30 -12.53 18.64
C07 7SV F . -5.58 -13.47 19.84
C08 7SV F . -6.94 -14.19 19.70
O09 7SV F . -6.76 -15.18 18.72
C11 7SV F . -9.03 -16.02 19.19
C12 7SV F . -10.01 -16.98 18.98
C14 7SV F . -8.54 -18.17 17.49
C16 7SV F . -6.17 -17.31 17.00
N17 7SV F . -6.34 -17.91 15.64
C18 7SV F . -5.72 -19.21 15.28
O19 7SV F . -5.89 -19.65 14.18
C23 7SV F . -3.28 -21.50 18.09
C25 7SV F . -1.35 -22.89 18.45
C27 7SV F . -0.81 -23.80 20.61
C29 7SV F . -2.77 -22.40 20.34
F30 7SV F . -3.85 -21.82 20.92
C31 7SV F . -4.64 -21.30 18.32
C32 7SV F . -5.41 -20.56 17.42
C33 7SV F . -7.17 -17.20 14.62
C34 7SV F . -6.38 -16.50 13.51
C35 7SV F . -7.10 -15.68 14.58
H131 7SV F . -10.43 -18.70 18.00
H211 7SV F . -3.09 -19.86 15.27
H221 7SV F . -1.81 -21.09 16.76
H261 7SV F . 0.23 -24.07 18.89
H281 7SV F . -2.13 -23.28 22.04
H041 7SV F . -2.95 -10.22 18.06
H042 7SV F . -3.41 -11.40 17.20
H051 7SV F . -4.84 -10.73 19.49
H052 7SV F . -3.68 -11.71 19.59
H062 7SV F . -4.91 -13.04 17.95
H061 7SV F . -6.11 -12.18 18.33
H072 7SV F . -5.58 -12.95 20.63
H071 7SV F . -4.89 -14.11 19.90
H081 7SV F . -7.18 -14.58 20.53
H082 7SV F . -7.61 -13.58 19.44
H111 7SV F . -9.19 -15.30 19.76
H121 7SV F . -10.83 -16.90 19.41
H141 7SV F . -8.37 -18.90 16.92
H161 7SV F . -5.80 -16.45 16.92
H162 7SV F . -5.60 -17.85 17.51
H251 7SV F . -1.16 -22.80 17.55
H271 7SV F . -0.25 -24.31 21.15
H311 7SV F . -5.04 -21.66 19.08
H321 7SV F . -6.32 -20.44 17.58
H331 7SV F . -8.01 -17.59 14.35
H342 7SV F . -5.42 -16.54 13.60
H341 7SV F . -6.79 -16.50 12.63
H352 7SV F . -7.91 -15.23 14.29
H351 7SV F . -6.53 -15.27 15.25
C5 B7G G . -0.55 4.19 8.07
O5 B7G G . -0.45 2.76 8.39
C1 B7G G . -1.37 2.39 9.46
C2 B7G G . -1.14 3.22 10.72
C3 B7G G . -1.21 4.67 10.43
C4 B7G G . -0.33 5.06 9.30
C6 B7G G . 0.46 4.54 7.02
O1 B7G G . -1.23 1.04 9.74
C7 B7G G . -1.70 0.22 8.66
C8 B7G G . -1.58 -1.28 9.00
C9 B7G G . -2.24 -2.07 7.85
C10 B7G G . -1.81 -3.55 7.88
C11 B7G G . -2.27 -4.24 6.57
C12 B7G G . -1.32 -3.85 5.42
O2 B7G G . -2.12 2.90 11.70
O3 B7G G . -0.82 5.43 11.61
O4 B7G G . -0.59 6.43 8.95
O6 B7G G . 1.02 3.37 6.50
C13 B7G G . -0.50 -5.07 4.98
H5 B7G G . -1.43 4.36 7.71
H1 B7G G . -2.28 2.54 9.16
H2 B7G G . -0.24 3.02 11.07
H3 B7G G . -2.13 4.90 10.20
H4 B7G G . 0.61 4.98 9.58
H61 B7G G . 0.03 5.03 6.30
H62 B7G G . 1.16 5.09 7.43
H71 B7G G . -1.18 0.41 7.86
H72 B7G G . -2.65 0.43 8.49
H81 B7G G . -2.02 -1.48 9.83
H82 B7G G . -0.63 -1.53 9.06
H91 B7G G . -1.99 -1.68 6.99
H92 B7G G . -3.22 -2.02 7.93
H101 B7G G . -2.19 -4.00 8.65
H102 B7G G . -0.83 -3.58 7.92
H111 B7G G . -3.20 -3.98 6.35
H112 B7G G . -2.23 -5.21 6.71
H121 B7G G . -0.72 -3.15 5.72
H122 B7G G . -1.85 -3.52 4.66
HO2 B7G G . -1.72 2.58 12.44
HO3 B7G G . -1.51 5.92 11.90
HO4 B7G G . 0.05 6.95 9.28
HO6 B7G G . 1.44 3.55 5.74
H131 B7G G . 0.13 -4.80 4.28
H132 B7G G . -0.01 -5.43 5.75
H133 B7G G . -1.10 -5.76 4.62
C1 PGO H . 8.81 14.10 -14.51
C2 PGO H . 8.30 15.46 -14.11
C3 PGO H . 8.31 15.58 -12.60
O1 PGO H . 8.64 13.93 -15.90
O2 PGO H . 6.99 15.64 -14.58
H11 PGO H . 8.32 13.41 -14.04
H12 PGO H . 9.76 14.03 -14.30
H2 PGO H . 8.88 16.16 -14.49
H31 PGO H . 8.95 14.93 -12.24
H32 PGO H . 7.42 15.39 -12.25
H33 PGO H . 8.58 16.48 -12.34
HO1 PGO H . 8.76 13.07 -16.12
HO2 PGO H . 7.00 15.70 -15.47
C10 7SV I . 5.93 23.06 -9.91
C13 7SV I . 8.24 23.51 -11.40
C15 7SV I . 6.10 22.42 -11.13
C20 7SV I . 4.39 21.32 -14.64
C21 7SV I . 3.15 20.94 -15.14
C22 7SV I . 2.35 21.86 -15.82
C24 7SV I . 1.95 24.08 -16.72
C26 7SV I . 0.22 24.36 -18.39
C28 7SV I . 1.17 26.28 -17.30
O01 7SV I . 2.08 18.23 -4.70
C02 7SV I . 2.02 19.49 -4.65
O03 7SV I . 2.74 20.10 -3.80
C04 7SV I . 1.10 20.28 -5.58
C05 7SV I . 1.66 21.69 -5.88
C06 7SV I . 2.85 21.65 -6.87
C07 7SV I . 3.14 23.06 -7.46
C08 7SV I . 4.63 23.23 -7.85
O09 7SV I . 4.73 22.80 -9.20
C11 7SV I . 6.90 23.94 -9.43
C12 7SV I . 8.06 24.16 -10.18
C14 7SV I . 7.25 22.63 -11.87
C16 7SV I . 4.97 21.46 -11.61
N17 7SV I . 5.53 20.34 -12.42
C18 7SV I . 5.26 20.27 -13.89
O19 7SV I . 5.74 19.37 -14.51
C23 7SV I . 2.79 23.17 -16.00
C25 7SV I . 1.06 23.54 -17.64
C27 7SV I . 0.28 25.73 -18.22
C29 7SV I . 2.01 25.47 -16.56
F30 7SV I . 2.86 26.05 -15.67
C31 7SV I . 4.03 23.54 -15.51
C32 7SV I . 4.84 22.62 -14.82
C33 7SV I . 6.39 19.28 -11.81
C34 7SV I . 5.63 18.07 -11.27
C35 7SV I . 6.30 19.05 -10.30
H131 7SV I . 9.00 23.65 -11.90
H211 7SV I . 2.85 20.07 -15.02
H221 7SV I . 1.53 21.59 -16.15
H261 7SV I . -0.36 23.99 -19.00
H281 7SV I . 1.20 27.21 -17.19
H041 7SV I . 0.26 20.37 -5.18
H042 7SV I . 1.01 19.82 -6.39
H051 7SV I . 1.96 22.08 -5.07
H052 7SV I . 0.99 22.22 -6.24
H062 7SV I . 2.64 21.06 -7.58
H061 7SV I . 3.61 21.34 -6.43
H072 7SV I . 2.92 23.71 -6.82
H071 7SV I . 2.61 23.17 -8.23
H081 7SV I . 4.88 24.13 -7.78
H082 7SV I . 5.18 22.70 -7.30
H111 7SV I . 6.78 24.37 -8.62
H121 7SV I . 8.71 24.74 -9.86
H141 7SV I . 7.37 22.20 -12.69
H161 7SV I . 4.54 21.10 -10.85
H162 7SV I . 4.36 21.95 -12.12
H251 7SV I . 1.02 22.62 -17.76
H271 7SV I . -0.27 26.29 -18.71
H311 7SV I . 4.34 24.41 -15.62
H321 7SV I . 5.66 22.89 -14.50
H331 7SV I . 7.26 19.09 -12.20
H342 7SV I . 4.66 18.13 -11.32
H341 7SV I . 6.08 17.22 -11.38
H352 7SV I . 7.10 18.73 -9.87
H351 7SV I . 5.70 19.63 -9.82
#